data_1DD4
#
_entry.id   1DD4
#
_cell.length_a   144.744
_cell.length_b   144.744
_cell.length_c   144.744
_cell.angle_alpha   90.00
_cell.angle_beta   90.00
_cell.angle_gamma   90.00
#
_symmetry.space_group_name_H-M   'I 21 3'
#
loop_
_entity.id
_entity.type
_entity.pdbx_description
1 polymer '50S RIBOSOMAL PROTEIN L7/L12'
2 polymer '50S RIBOSOMAL PROTEIN L7/L12'
3 non-polymer 'HEXATANTALUM DODECABROMIDE'
4 water water
#
loop_
_entity_poly.entity_id
_entity_poly.type
_entity_poly.pdbx_seq_one_letter_code
_entity_poly.pdbx_strand_id
1 'polypeptide(L)'
;MTIDEIIEAIEKLTVSELAELVKKLEDKFGVTAAAPVAVAAAPVAGAAAGAAQEEKTEFDVVLKSFGQNKIQVIKVVREI
TGLGLKEAKDLVEKAGSPDAVIKSGVSKEEAEEIKKKLEEAGAEVELK
;
A,B
2 'polypeptide(L)' MTIDEIIEAIEKLTVSELAELVKKLEDKFGVTAAAPVAVA C,D
#
# COMPACT_ATOMS: atom_id res chain seq x y z
N MET A 1 5.48 -17.54 -15.35
CA MET A 1 4.37 -16.68 -15.85
C MET A 1 4.78 -15.70 -16.93
N THR A 2 3.84 -15.42 -17.84
CA THR A 2 4.04 -14.47 -18.93
C THR A 2 3.90 -13.08 -18.33
N ILE A 3 4.46 -12.09 -19.00
CA ILE A 3 4.38 -10.72 -18.50
C ILE A 3 2.95 -10.35 -18.18
N ASP A 4 2.03 -10.68 -19.06
CA ASP A 4 0.63 -10.37 -18.82
C ASP A 4 0.14 -11.14 -17.62
N GLU A 5 0.56 -12.40 -17.52
CA GLU A 5 0.18 -13.23 -16.39
C GLU A 5 0.58 -12.52 -15.10
N ILE A 6 1.80 -11.97 -15.12
CA ILE A 6 2.35 -11.27 -13.97
C ILE A 6 1.59 -9.96 -13.70
N ILE A 7 1.30 -9.22 -14.76
CA ILE A 7 0.56 -7.97 -14.62
C ILE A 7 -0.83 -8.26 -14.06
N GLU A 8 -1.43 -9.33 -14.56
CA GLU A 8 -2.75 -9.75 -14.09
C GLU A 8 -2.57 -10.03 -12.60
N ALA A 9 -1.66 -10.96 -12.29
CA ALA A 9 -1.37 -11.34 -10.91
C ALA A 9 -1.14 -10.12 -10.02
N ILE A 10 -0.43 -9.14 -10.54
CA ILE A 10 -0.15 -7.93 -9.80
C ILE A 10 -1.43 -7.15 -9.52
N GLU A 11 -2.27 -6.98 -10.54
CA GLU A 11 -3.51 -6.22 -10.40
C GLU A 11 -4.57 -6.87 -9.52
N LYS A 12 -4.23 -7.99 -8.90
CA LYS A 12 -5.13 -8.72 -8.01
C LYS A 12 -4.63 -8.60 -6.58
N LEU A 13 -3.42 -8.07 -6.41
CA LEU A 13 -2.83 -7.91 -5.08
C LEU A 13 -3.54 -6.80 -4.32
N THR A 14 -3.50 -6.84 -3.00
CA THR A 14 -4.11 -5.76 -2.23
C THR A 14 -3.04 -4.69 -2.06
N VAL A 15 -3.47 -3.50 -1.64
CA VAL A 15 -2.58 -2.37 -1.41
C VAL A 15 -1.42 -2.80 -0.53
N SER A 16 -1.70 -3.62 0.46
CA SER A 16 -0.70 -4.12 1.38
C SER A 16 0.21 -5.14 0.71
N GLU A 17 -0.36 -6.04 -0.09
CA GLU A 17 0.46 -7.03 -0.76
C GLU A 17 1.43 -6.31 -1.68
N LEU A 18 0.97 -5.26 -2.33
CA LEU A 18 1.85 -4.49 -3.20
C LEU A 18 2.90 -3.79 -2.33
N ALA A 19 2.48 -3.31 -1.17
CA ALA A 19 3.39 -2.64 -0.26
C ALA A 19 4.49 -3.60 0.14
N GLU A 20 4.09 -4.71 0.75
CA GLU A 20 5.03 -5.72 1.22
C GLU A 20 5.93 -6.32 0.13
N LEU A 21 5.41 -6.45 -1.09
CA LEU A 21 6.18 -6.97 -2.23
C LEU A 21 7.31 -6.02 -2.63
N VAL A 22 6.96 -4.75 -2.83
CA VAL A 22 7.95 -3.76 -3.20
C VAL A 22 9.02 -3.64 -2.11
N LYS A 23 8.57 -3.57 -0.86
CA LYS A 23 9.49 -3.47 0.25
C LYS A 23 10.45 -4.64 0.20
N LYS A 24 9.90 -5.85 0.16
CA LYS A 24 10.71 -7.06 0.09
C LYS A 24 11.71 -6.99 -1.05
N LEU A 25 11.28 -6.45 -2.19
CA LEU A 25 12.16 -6.33 -3.33
C LEU A 25 13.29 -5.37 -3.05
N GLU A 26 12.98 -4.28 -2.33
CA GLU A 26 14.00 -3.30 -2.00
C GLU A 26 15.04 -3.86 -1.04
N ASP A 27 14.57 -4.56 -0.01
CA ASP A 27 15.50 -5.13 0.98
C ASP A 27 16.40 -6.19 0.38
N LYS A 28 15.83 -6.98 -0.52
CA LYS A 28 16.59 -8.05 -1.13
C LYS A 28 17.50 -7.61 -2.26
N PHE A 29 16.99 -6.78 -3.17
CA PHE A 29 17.78 -6.34 -4.30
C PHE A 29 18.30 -4.91 -4.30
N GLY A 30 18.06 -4.18 -3.19
CA GLY A 30 18.52 -2.81 -3.11
C GLY A 30 17.52 -1.91 -3.79
N VAL A 31 17.53 -0.62 -3.48
CA VAL A 31 16.56 0.27 -4.10
C VAL A 31 16.87 0.50 -5.58
N THR A 32 18.14 0.48 -5.95
CA THR A 32 18.52 0.72 -7.33
C THR A 32 17.83 -0.22 -8.28
N ALA A 33 18.08 -1.50 -8.07
CA ALA A 33 17.51 -2.56 -8.88
C ALA A 33 16.01 -2.69 -8.65
N ALA A 34 15.55 -2.40 -7.44
CA ALA A 34 14.12 -2.50 -7.11
C ALA A 34 13.26 -1.33 -7.59
N ALA A 35 13.87 -0.16 -7.78
CA ALA A 35 13.15 1.04 -8.18
C ALA A 35 12.19 0.92 -9.34
N PRO A 36 12.53 0.13 -10.37
CA PRO A 36 11.60 0.00 -11.49
C PRO A 36 10.25 -0.56 -11.06
N VAL A 37 10.27 -1.68 -10.34
CA VAL A 37 9.02 -2.28 -9.88
C VAL A 37 8.31 -1.37 -8.88
N ALA A 38 9.09 -0.63 -8.10
CA ALA A 38 8.53 0.28 -7.11
C ALA A 38 7.66 1.35 -7.78
N VAL A 39 8.20 2.03 -8.78
CA VAL A 39 7.44 3.09 -9.44
C VAL A 39 6.39 2.57 -10.43
N ALA A 40 6.41 1.27 -10.72
CA ALA A 40 5.44 0.70 -11.64
C ALA A 40 4.27 0.20 -10.82
N ALA A 41 4.57 -0.26 -9.62
CA ALA A 41 3.54 -0.78 -8.75
C ALA A 41 2.73 0.31 -8.06
N ALA A 42 3.37 1.45 -7.74
CA ALA A 42 2.69 2.55 -7.05
C ALA A 42 1.27 2.84 -7.55
N PRO A 43 1.12 3.12 -8.84
CA PRO A 43 -0.22 3.40 -9.38
C PRO A 43 -1.16 2.22 -9.20
N VAL A 44 -0.61 1.01 -9.25
CA VAL A 44 -1.44 -0.17 -9.08
C VAL A 44 -2.04 -0.14 -7.67
N ALA A 45 -1.20 0.13 -6.67
CA ALA A 45 -1.63 0.21 -5.29
C ALA A 45 -2.53 1.41 -5.04
N GLY A 46 -2.30 2.48 -5.79
CA GLY A 46 -3.12 3.68 -5.64
C GLY A 46 -4.54 3.37 -6.12
N ALA A 47 -4.62 2.52 -7.14
CA ALA A 47 -5.89 2.10 -7.70
C ALA A 47 -6.57 1.20 -6.69
N ALA A 48 -5.78 0.34 -6.06
CA ALA A 48 -6.27 -0.59 -5.06
C ALA A 48 -6.83 0.17 -3.87
N ALA A 49 -6.12 1.24 -3.53
CA ALA A 49 -6.50 2.10 -2.42
C ALA A 49 -7.91 2.58 -2.69
N GLY A 50 -8.09 3.17 -3.87
CA GLY A 50 -9.39 3.69 -4.27
C GLY A 50 -10.45 2.60 -4.25
N ALA A 51 -10.16 1.49 -4.92
CA ALA A 51 -11.09 0.38 -4.96
C ALA A 51 -11.57 0.05 -3.56
N ALA A 52 -10.62 -0.16 -2.66
CA ALA A 52 -10.94 -0.48 -1.28
C ALA A 52 -12.00 0.46 -0.72
N GLN A 53 -11.68 1.74 -0.73
CA GLN A 53 -12.56 2.80 -0.25
C GLN A 53 -13.96 2.67 -0.87
N GLU A 54 -13.98 2.71 -2.19
CA GLU A 54 -15.20 2.62 -2.97
C GLU A 54 -15.97 1.32 -2.75
N GLU A 55 -15.48 0.49 -1.85
CA GLU A 55 -16.14 -0.77 -1.59
C GLU A 55 -16.29 -1.04 -0.12
N LYS A 56 -16.37 0.04 0.63
CA LYS A 56 -16.55 -0.02 2.07
C LYS A 56 -15.66 -1.03 2.79
N THR A 57 -14.52 -1.32 2.20
CA THR A 57 -13.49 -2.15 2.82
C THR A 57 -12.60 -0.93 2.96
N GLU A 58 -12.11 -0.63 4.17
CA GLU A 58 -11.32 0.59 4.35
C GLU A 58 -12.26 1.80 4.25
N PHE A 59 -12.21 2.68 5.24
CA PHE A 59 -13.07 3.84 5.27
C PHE A 59 -12.29 5.10 5.52
N ASP A 60 -12.93 6.25 5.29
CA ASP A 60 -12.32 7.56 5.50
C ASP A 60 -13.12 8.45 6.44
N VAL A 61 -12.51 9.54 6.89
CA VAL A 61 -13.12 10.48 7.82
C VAL A 61 -13.13 11.86 7.20
N VAL A 62 -14.31 12.30 6.76
CA VAL A 62 -14.45 13.60 6.12
C VAL A 62 -15.01 14.65 7.09
N LEU A 63 -14.41 15.83 7.03
CA LEU A 63 -14.80 16.96 7.84
C LEU A 63 -15.95 17.71 7.17
N LYS A 64 -17.12 17.69 7.80
CA LYS A 64 -18.27 18.38 7.27
C LYS A 64 -18.19 19.82 7.74
N SER A 65 -17.77 20.01 8.98
CA SER A 65 -17.62 21.34 9.56
C SER A 65 -16.58 21.35 10.66
N PHE A 66 -15.82 22.44 10.75
CA PHE A 66 -14.83 22.53 11.82
C PHE A 66 -15.43 23.05 13.12
N GLY A 67 -16.75 23.27 13.13
CA GLY A 67 -17.48 23.70 14.32
C GLY A 67 -17.28 25.08 14.92
N GLN A 68 -17.47 25.16 16.24
CA GLN A 68 -17.32 26.42 16.97
C GLN A 68 -15.88 26.79 17.31
N ASN A 69 -15.00 25.80 17.32
CA ASN A 69 -13.61 26.07 17.62
C ASN A 69 -12.69 25.48 16.58
N LYS A 70 -12.48 26.23 15.50
CA LYS A 70 -11.65 25.79 14.41
C LYS A 70 -10.25 25.44 14.92
N ILE A 71 -9.76 26.21 15.88
CA ILE A 71 -8.43 25.99 16.44
C ILE A 71 -8.28 24.64 17.14
N GLN A 72 -9.31 24.27 17.89
CA GLN A 72 -9.27 23.02 18.60
C GLN A 72 -9.28 21.86 17.60
N VAL A 73 -10.02 22.05 16.50
CA VAL A 73 -10.12 21.03 15.45
C VAL A 73 -8.77 20.89 14.74
N ILE A 74 -8.09 22.01 14.52
CA ILE A 74 -6.78 21.98 13.87
C ILE A 74 -5.80 21.24 14.79
N LYS A 75 -5.90 21.48 16.09
CA LYS A 75 -5.02 20.82 17.04
C LYS A 75 -5.17 19.31 16.94
N VAL A 76 -6.41 18.84 16.94
CA VAL A 76 -6.71 17.42 16.84
C VAL A 76 -6.23 16.86 15.49
N VAL A 77 -6.61 17.53 14.41
CA VAL A 77 -6.20 17.11 13.08
C VAL A 77 -4.69 16.93 13.07
N ARG A 78 -3.98 17.91 13.60
CA ARG A 78 -2.54 17.85 13.67
C ARG A 78 -2.06 16.66 14.49
N GLU A 79 -2.84 16.28 15.50
CA GLU A 79 -2.49 15.14 16.34
C GLU A 79 -2.72 13.87 15.54
N ILE A 80 -3.85 13.81 14.86
CA ILE A 80 -4.15 12.64 14.08
C ILE A 80 -3.18 12.47 12.93
N THR A 81 -2.91 13.56 12.23
CA THR A 81 -2.08 13.51 11.02
C THR A 81 -0.60 13.84 11.03
N GLY A 82 -0.11 14.53 12.04
CA GLY A 82 1.30 14.89 12.05
C GLY A 82 1.57 16.05 11.10
N LEU A 83 0.49 16.50 10.45
CA LEU A 83 0.50 17.60 9.51
C LEU A 83 0.96 18.85 10.21
N GLY A 84 1.69 19.71 9.50
CA GLY A 84 2.17 20.95 10.07
C GLY A 84 0.99 21.84 10.43
N LEU A 85 1.27 22.98 11.05
CA LEU A 85 0.22 23.91 11.46
C LEU A 85 -0.55 24.54 10.32
N LYS A 86 0.15 25.10 9.35
CA LYS A 86 -0.55 25.72 8.24
C LYS A 86 -1.28 24.71 7.37
N GLU A 87 -0.68 23.54 7.15
CA GLU A 87 -1.32 22.53 6.32
C GLU A 87 -2.52 21.98 7.06
N ALA A 88 -2.42 21.87 8.38
CA ALA A 88 -3.53 21.38 9.19
C ALA A 88 -4.67 22.39 9.10
N LYS A 89 -4.33 23.68 9.22
CA LYS A 89 -5.31 24.77 9.14
C LYS A 89 -5.91 24.74 7.75
N ASP A 90 -5.06 24.60 6.75
CA ASP A 90 -5.51 24.56 5.37
C ASP A 90 -6.55 23.47 5.25
N LEU A 91 -6.17 22.25 5.59
CA LEU A 91 -7.08 21.13 5.50
C LEU A 91 -8.37 21.29 6.28
N VAL A 92 -8.29 21.84 7.49
CA VAL A 92 -9.48 22.01 8.31
C VAL A 92 -10.46 23.03 7.76
N GLU A 93 -9.94 24.06 7.13
CA GLU A 93 -10.77 25.10 6.57
C GLU A 93 -11.48 24.66 5.29
N LYS A 94 -11.28 23.39 4.92
CA LYS A 94 -11.91 22.79 3.74
C LYS A 94 -13.13 22.03 4.21
N ALA A 95 -13.37 22.03 5.53
CA ALA A 95 -14.51 21.33 6.10
C ALA A 95 -15.75 21.64 5.27
N GLY A 96 -16.46 20.61 4.87
CA GLY A 96 -17.64 20.81 4.04
C GLY A 96 -17.32 20.35 2.63
N SER A 97 -16.03 20.43 2.29
CA SER A 97 -15.54 20.01 0.99
C SER A 97 -15.32 18.51 0.97
N PRO A 98 -15.52 17.88 -0.18
CA PRO A 98 -15.36 16.44 -0.41
C PRO A 98 -13.94 15.97 -0.16
N ASP A 99 -12.98 16.85 -0.40
CA ASP A 99 -11.59 16.47 -0.20
C ASP A 99 -11.06 16.95 1.14
N ALA A 100 -11.97 17.25 2.05
CA ALA A 100 -11.56 17.65 3.39
C ALA A 100 -11.42 16.34 4.14
N VAL A 101 -10.76 15.35 3.53
CA VAL A 101 -10.55 14.04 4.16
C VAL A 101 -9.39 14.10 5.14
N ILE A 102 -9.68 13.85 6.41
CA ILE A 102 -8.62 13.92 7.40
C ILE A 102 -7.73 12.68 7.39
N LYS A 103 -8.33 11.53 7.14
CA LYS A 103 -7.60 10.27 7.04
C LYS A 103 -8.39 9.29 6.20
N SER A 104 -7.71 8.26 5.68
CA SER A 104 -8.38 7.25 4.88
C SER A 104 -7.58 5.95 4.83
N GLY A 105 -8.18 4.92 4.26
CA GLY A 105 -7.53 3.63 4.18
C GLY A 105 -7.55 2.95 5.53
N VAL A 106 -8.37 3.48 6.44
CA VAL A 106 -8.46 2.94 7.79
C VAL A 106 -9.66 1.99 8.02
N SER A 107 -9.58 1.22 9.11
CA SER A 107 -10.63 0.28 9.47
C SER A 107 -11.86 1.05 9.89
N LYS A 108 -12.95 0.33 10.16
CA LYS A 108 -14.18 0.97 10.56
C LYS A 108 -14.10 1.57 11.96
N GLU A 109 -13.81 0.74 12.97
CA GLU A 109 -13.76 1.24 14.35
C GLU A 109 -12.73 2.35 14.50
N GLU A 110 -11.71 2.28 13.67
CA GLU A 110 -10.63 3.26 13.69
C GLU A 110 -11.15 4.54 13.07
N ALA A 111 -12.02 4.39 12.08
CA ALA A 111 -12.60 5.53 11.40
C ALA A 111 -13.55 6.17 12.41
N GLU A 112 -14.19 5.34 13.21
CA GLU A 112 -15.11 5.83 14.22
C GLU A 112 -14.31 6.54 15.29
N GLU A 113 -13.25 5.88 15.74
CA GLU A 113 -12.39 6.43 16.78
C GLU A 113 -11.88 7.81 16.42
N ILE A 114 -11.50 7.99 15.16
CA ILE A 114 -11.00 9.27 14.71
C ILE A 114 -12.15 10.26 14.71
N LYS A 115 -13.27 9.85 14.11
CA LYS A 115 -14.48 10.66 14.02
C LYS A 115 -14.82 11.22 15.40
N LYS A 116 -14.86 10.33 16.38
CA LYS A 116 -15.16 10.70 17.75
C LYS A 116 -14.20 11.78 18.24
N LYS A 117 -12.91 11.61 17.98
CA LYS A 117 -11.92 12.59 18.42
C LYS A 117 -12.14 13.96 17.80
N LEU A 118 -12.55 13.98 16.54
CA LEU A 118 -12.80 15.25 15.88
C LEU A 118 -14.07 15.86 16.44
N GLU A 119 -15.05 15.01 16.74
CA GLU A 119 -16.33 15.45 17.27
C GLU A 119 -16.08 16.06 18.63
N GLU A 120 -15.20 15.45 19.40
CA GLU A 120 -14.89 15.99 20.71
C GLU A 120 -14.25 17.37 20.62
N ALA A 121 -13.76 17.72 19.43
CA ALA A 121 -13.14 19.03 19.22
C ALA A 121 -14.20 19.98 18.69
N GLY A 122 -15.40 19.46 18.46
CA GLY A 122 -16.50 20.28 17.96
C GLY A 122 -16.75 20.24 16.45
N ALA A 123 -16.12 19.28 15.78
CA ALA A 123 -16.28 19.15 14.35
C ALA A 123 -17.41 18.20 13.95
N GLU A 124 -17.94 18.42 12.75
CA GLU A 124 -18.98 17.58 12.17
C GLU A 124 -18.18 16.72 11.20
N VAL A 125 -18.32 15.41 11.30
CA VAL A 125 -17.58 14.51 10.42
C VAL A 125 -18.38 13.32 9.91
N GLU A 126 -18.13 12.94 8.66
CA GLU A 126 -18.84 11.82 8.05
C GLU A 126 -17.88 10.72 7.63
N LEU A 127 -18.33 9.47 7.70
CA LEU A 127 -17.51 8.34 7.30
C LEU A 127 -17.95 7.82 5.95
N LYS A 128 -17.03 7.27 5.18
CA LYS A 128 -17.41 6.73 3.88
C LYS A 128 -16.58 5.51 3.49
N MET B 1 5.74 22.35 5.67
CA MET B 1 6.21 21.62 6.88
C MET B 1 7.73 21.46 6.88
N THR B 2 8.23 20.95 7.99
CA THR B 2 9.64 20.65 8.18
C THR B 2 9.86 19.24 7.66
N ILE B 3 11.11 18.94 7.32
CA ILE B 3 11.44 17.62 6.84
C ILE B 3 10.93 16.62 7.86
N ASP B 4 11.26 16.84 9.13
CA ASP B 4 10.84 15.95 10.19
C ASP B 4 9.35 15.77 10.25
N GLU B 5 8.61 16.86 10.09
CA GLU B 5 7.17 16.75 10.15
C GLU B 5 6.61 16.05 8.93
N ILE B 6 7.29 16.16 7.78
CA ILE B 6 6.80 15.47 6.59
C ILE B 6 7.02 13.97 6.85
N ILE B 7 8.09 13.64 7.57
CA ILE B 7 8.40 12.26 7.90
C ILE B 7 7.39 11.73 8.89
N GLU B 8 7.16 12.46 9.97
CA GLU B 8 6.18 12.01 10.96
C GLU B 8 4.83 11.83 10.31
N ALA B 9 4.43 12.79 9.49
CA ALA B 9 3.15 12.73 8.80
C ALA B 9 3.10 11.50 7.92
N ILE B 10 4.14 11.33 7.09
CA ILE B 10 4.23 10.19 6.20
C ILE B 10 4.15 8.90 7.00
N GLU B 11 4.86 8.86 8.12
CA GLU B 11 4.87 7.67 8.94
C GLU B 11 3.54 7.39 9.61
N LYS B 12 2.64 8.34 9.53
CA LYS B 12 1.34 8.17 10.14
C LYS B 12 0.34 7.80 9.08
N LEU B 13 0.81 7.78 7.83
CA LEU B 13 -0.06 7.44 6.72
C LEU B 13 -0.48 5.98 6.72
N THR B 14 -1.66 5.78 6.15
CA THR B 14 -2.25 4.48 5.98
C THR B 14 -1.52 3.90 4.77
N VAL B 15 -1.46 2.58 4.67
CA VAL B 15 -0.79 1.97 3.54
C VAL B 15 -1.45 2.50 2.28
N SER B 16 -2.78 2.59 2.30
CA SER B 16 -3.53 3.11 1.16
C SER B 16 -3.19 4.56 0.88
N GLU B 17 -3.11 5.36 1.95
CA GLU B 17 -2.77 6.77 1.80
C GLU B 17 -1.39 6.91 1.18
N LEU B 18 -0.45 6.09 1.63
CA LEU B 18 0.91 6.13 1.11
C LEU B 18 0.91 5.85 -0.38
N ALA B 19 0.25 4.75 -0.74
CA ALA B 19 0.13 4.35 -2.13
C ALA B 19 -0.40 5.48 -2.98
N GLU B 20 -1.46 6.13 -2.51
CA GLU B 20 -2.06 7.22 -3.26
C GLU B 20 -1.19 8.45 -3.31
N LEU B 21 -0.41 8.67 -2.27
CA LEU B 21 0.48 9.82 -2.21
C LEU B 21 1.53 9.68 -3.29
N VAL B 22 2.15 8.49 -3.32
CA VAL B 22 3.18 8.22 -4.32
C VAL B 22 2.58 8.24 -5.72
N LYS B 23 1.41 7.64 -5.90
CA LYS B 23 0.78 7.67 -7.20
C LYS B 23 0.57 9.11 -7.63
N LYS B 24 0.03 9.93 -6.73
CA LYS B 24 -0.18 11.32 -7.08
C LYS B 24 1.14 12.00 -7.47
N LEU B 25 2.22 11.63 -6.79
CA LEU B 25 3.52 12.23 -7.09
C LEU B 25 3.95 11.85 -8.50
N GLU B 26 3.83 10.58 -8.84
CA GLU B 26 4.19 10.13 -10.18
C GLU B 26 3.29 10.82 -11.19
N ASP B 27 2.06 11.14 -10.81
CA ASP B 27 1.18 11.82 -11.75
C ASP B 27 1.63 13.27 -11.89
N LYS B 28 1.88 13.91 -10.75
CA LYS B 28 2.30 15.30 -10.74
C LYS B 28 3.68 15.56 -11.31
N PHE B 29 4.69 14.87 -10.77
CA PHE B 29 6.07 15.10 -11.19
C PHE B 29 6.62 14.24 -12.29
N GLY B 30 5.93 13.16 -12.62
CA GLY B 30 6.46 12.26 -13.63
C GLY B 30 7.09 11.14 -12.84
N VAL B 31 7.21 9.96 -13.44
CA VAL B 31 7.78 8.83 -12.72
C VAL B 31 9.25 9.02 -12.33
N THR B 32 10.03 9.67 -13.18
CA THR B 32 11.44 9.87 -12.89
C THR B 32 11.64 10.75 -11.69
N ALA B 33 11.11 11.96 -11.75
CA ALA B 33 11.27 12.91 -10.66
C ALA B 33 10.62 12.41 -9.37
N ALA B 34 9.53 11.66 -9.48
CA ALA B 34 8.86 11.16 -8.28
C ALA B 34 9.41 9.84 -7.70
N ALA B 35 10.23 9.13 -8.48
CA ALA B 35 10.77 7.85 -8.04
C ALA B 35 11.48 7.93 -6.69
N PRO B 36 12.22 9.02 -6.44
CA PRO B 36 12.91 9.11 -5.15
C PRO B 36 11.97 8.85 -3.98
N VAL B 37 10.83 9.53 -3.97
CA VAL B 37 9.87 9.36 -2.89
C VAL B 37 9.22 8.01 -2.99
N ALA B 38 9.04 7.53 -4.21
CA ALA B 38 8.40 6.22 -4.38
C ALA B 38 9.20 5.16 -3.66
N VAL B 39 10.50 5.09 -3.94
CA VAL B 39 11.32 4.08 -3.29
C VAL B 39 11.52 4.33 -1.79
N ALA B 40 11.55 5.58 -1.37
CA ALA B 40 11.75 5.90 0.04
C ALA B 40 10.51 5.61 0.87
N ALA B 41 9.34 5.76 0.27
CA ALA B 41 8.07 5.52 0.97
C ALA B 41 7.66 4.05 1.03
N ALA B 42 8.08 3.26 0.04
CA ALA B 42 7.71 1.85 -0.02
C ALA B 42 7.97 1.10 1.29
N PRO B 43 9.18 1.23 1.85
CA PRO B 43 9.45 0.52 3.09
C PRO B 43 8.51 1.00 4.20
N VAL B 44 8.09 2.26 4.11
CA VAL B 44 7.17 2.81 5.09
C VAL B 44 5.79 2.17 4.91
N ALA B 45 5.36 2.00 3.66
CA ALA B 45 4.06 1.36 3.35
C ALA B 45 4.10 -0.10 3.76
N GLY B 46 5.18 -0.79 3.37
CA GLY B 46 5.32 -2.20 3.73
C GLY B 46 5.28 -2.38 5.25
N ALA B 47 6.01 -1.54 5.97
CA ALA B 47 6.02 -1.62 7.43
C ALA B 47 4.57 -1.60 7.93
N ALA B 48 3.84 -0.57 7.48
CA ALA B 48 2.44 -0.38 7.85
C ALA B 48 1.55 -1.56 7.44
N ALA B 49 1.72 -2.04 6.22
CA ALA B 49 0.93 -3.16 5.78
C ALA B 49 1.15 -4.22 6.83
N GLY B 50 2.42 -4.41 7.21
CA GLY B 50 2.75 -5.42 8.18
C GLY B 50 2.21 -5.15 9.57
N ALA B 51 1.92 -3.90 9.86
CA ALA B 51 1.38 -3.54 11.15
C ALA B 51 -0.09 -3.88 11.18
N ALA B 52 -0.75 -3.66 10.05
CA ALA B 52 -2.18 -3.92 9.93
C ALA B 52 -2.50 -5.40 10.18
N GLN B 53 -1.68 -6.29 9.62
CA GLN B 53 -1.88 -7.72 9.80
C GLN B 53 -1.66 -8.00 11.29
N GLU B 54 -0.54 -7.49 11.77
CA GLU B 54 -0.11 -7.59 13.16
C GLU B 54 -1.24 -7.26 14.12
N GLU B 55 -2.10 -6.31 13.72
CA GLU B 55 -3.23 -5.89 14.55
C GLU B 55 -4.51 -6.63 14.16
N LYS B 56 -5.29 -6.06 13.25
CA LYS B 56 -6.50 -6.73 12.81
C LYS B 56 -7.25 -5.79 11.90
N THR B 57 -6.51 -4.88 11.32
CA THR B 57 -7.10 -3.93 10.39
C THR B 57 -7.26 -4.72 9.10
N GLU B 58 -6.47 -5.78 8.99
CA GLU B 58 -6.46 -6.66 7.81
C GLU B 58 -6.05 -8.07 8.19
N PHE B 59 -6.47 -9.03 7.37
CA PHE B 59 -6.20 -10.45 7.60
C PHE B 59 -5.70 -11.16 6.36
N ASP B 60 -5.09 -12.32 6.55
CA ASP B 60 -4.57 -13.10 5.44
C ASP B 60 -5.26 -14.45 5.45
N VAL B 61 -5.08 -15.20 4.35
CA VAL B 61 -5.65 -16.54 4.22
C VAL B 61 -4.50 -17.52 4.06
N VAL B 62 -4.21 -18.28 5.12
CA VAL B 62 -3.12 -19.23 5.09
C VAL B 62 -3.56 -20.68 4.85
N LEU B 63 -2.92 -21.33 3.87
CA LEU B 63 -3.21 -22.72 3.54
C LEU B 63 -2.58 -23.62 4.59
N LYS B 64 -3.38 -24.51 5.15
CA LYS B 64 -2.89 -25.40 6.18
C LYS B 64 -2.71 -26.83 5.66
N SER B 65 -3.31 -27.12 4.51
CA SER B 65 -3.22 -28.44 3.88
C SER B 65 -4.07 -28.52 2.62
N PHE B 66 -3.50 -29.07 1.56
CA PHE B 66 -4.24 -29.22 0.31
C PHE B 66 -5.08 -30.50 0.36
N GLY B 67 -4.60 -31.48 1.14
CA GLY B 67 -5.30 -32.75 1.29
C GLY B 67 -5.42 -33.60 0.05
N GLN B 68 -6.36 -34.55 0.09
CA GLN B 68 -6.59 -35.46 -1.03
C GLN B 68 -6.69 -34.67 -2.32
N ASN B 69 -7.41 -33.55 -2.27
CA ASN B 69 -7.61 -32.70 -3.43
C ASN B 69 -6.60 -31.56 -3.51
N LYS B 70 -5.52 -31.78 -4.24
CA LYS B 70 -4.47 -30.76 -4.41
C LYS B 70 -4.57 -30.08 -5.77
N ILE B 71 -4.99 -30.85 -6.78
CA ILE B 71 -5.11 -30.30 -8.11
C ILE B 71 -6.18 -29.21 -8.13
N GLN B 72 -7.21 -29.38 -7.31
CA GLN B 72 -8.30 -28.40 -7.27
C GLN B 72 -7.92 -27.22 -6.37
N VAL B 73 -7.33 -27.53 -5.21
CA VAL B 73 -6.89 -26.49 -4.29
C VAL B 73 -6.10 -25.48 -5.13
N ILE B 74 -5.28 -26.01 -6.04
CA ILE B 74 -4.47 -25.20 -6.93
C ILE B 74 -5.38 -24.44 -7.90
N LYS B 75 -6.22 -25.19 -8.62
CA LYS B 75 -7.12 -24.59 -9.58
C LYS B 75 -7.78 -23.36 -8.99
N VAL B 76 -8.19 -23.47 -7.74
CA VAL B 76 -8.84 -22.38 -7.04
C VAL B 76 -7.88 -21.23 -6.83
N VAL B 77 -6.77 -21.52 -6.16
CA VAL B 77 -5.75 -20.52 -5.88
C VAL B 77 -5.50 -19.64 -7.09
N ARG B 78 -5.28 -20.24 -8.25
CA ARG B 78 -5.02 -19.47 -9.46
C ARG B 78 -6.20 -18.57 -9.83
N GLU B 79 -7.41 -18.99 -9.51
CA GLU B 79 -8.60 -18.21 -9.82
C GLU B 79 -8.63 -16.99 -8.91
N ILE B 80 -8.05 -17.16 -7.74
CA ILE B 80 -7.99 -16.11 -6.73
C ILE B 80 -6.83 -15.13 -6.85
N THR B 81 -5.64 -15.63 -7.19
CA THR B 81 -4.44 -14.79 -7.28
C THR B 81 -3.95 -14.38 -8.66
N GLY B 82 -4.19 -15.21 -9.67
CA GLY B 82 -3.72 -14.89 -11.00
C GLY B 82 -2.37 -15.51 -11.29
N LEU B 83 -1.91 -16.34 -10.36
CA LEU B 83 -0.62 -17.03 -10.50
C LEU B 83 -0.64 -18.01 -11.67
N GLY B 84 0.36 -18.90 -11.71
CA GLY B 84 0.48 -19.91 -12.75
C GLY B 84 0.69 -21.28 -12.12
N LEU B 85 0.62 -22.35 -12.91
CA LEU B 85 0.80 -23.70 -12.35
C LEU B 85 1.96 -23.74 -11.37
N LYS B 86 3.16 -23.69 -11.93
CA LYS B 86 4.39 -23.73 -11.15
C LYS B 86 4.31 -22.85 -9.91
N GLU B 87 3.96 -21.59 -10.11
CA GLU B 87 3.87 -20.66 -8.98
C GLU B 87 2.81 -21.17 -8.03
N ALA B 88 1.56 -21.13 -8.49
CA ALA B 88 0.40 -21.57 -7.71
C ALA B 88 0.68 -22.92 -7.05
N LYS B 89 1.38 -23.79 -7.78
CA LYS B 89 1.71 -25.11 -7.27
C LYS B 89 2.81 -25.05 -6.22
N ASP B 90 3.84 -24.24 -6.46
CA ASP B 90 4.93 -24.12 -5.48
C ASP B 90 4.35 -23.61 -4.17
N LEU B 91 3.44 -22.65 -4.30
CA LEU B 91 2.77 -22.07 -3.14
C LEU B 91 1.93 -23.12 -2.44
N VAL B 92 0.98 -23.69 -3.17
CA VAL B 92 0.11 -24.72 -2.63
C VAL B 92 0.90 -25.80 -1.92
N GLU B 93 2.07 -26.13 -2.47
CA GLU B 93 2.90 -27.17 -1.87
C GLU B 93 3.56 -26.72 -0.56
N LYS B 94 3.26 -25.50 -0.15
CA LYS B 94 3.80 -24.96 1.10
C LYS B 94 2.76 -25.09 2.21
N ALA B 95 1.59 -25.63 1.87
CA ALA B 95 0.52 -25.82 2.83
C ALA B 95 1.08 -26.31 4.17
N GLY B 96 0.56 -25.76 5.26
CA GLY B 96 1.02 -26.16 6.59
C GLY B 96 2.14 -25.27 7.08
N SER B 97 2.76 -24.53 6.16
CA SER B 97 3.85 -23.62 6.46
C SER B 97 3.34 -22.18 6.53
N PRO B 98 4.06 -21.31 7.28
CA PRO B 98 3.70 -19.89 7.43
C PRO B 98 3.68 -19.16 6.07
N ASP B 99 4.60 -19.54 5.19
CA ASP B 99 4.72 -18.98 3.85
C ASP B 99 3.45 -19.18 3.06
N ALA B 100 2.77 -20.29 3.35
CA ALA B 100 1.56 -20.69 2.67
C ALA B 100 0.42 -19.67 2.65
N VAL B 101 0.73 -18.39 2.72
CA VAL B 101 -0.29 -17.35 2.67
C VAL B 101 -0.74 -17.20 1.23
N ILE B 102 -2.04 -17.30 0.98
CA ILE B 102 -2.59 -17.17 -0.37
C ILE B 102 -3.19 -15.79 -0.61
N LYS B 103 -3.25 -14.98 0.45
CA LYS B 103 -3.81 -13.64 0.33
C LYS B 103 -3.61 -12.92 1.65
N SER B 104 -3.41 -11.60 1.59
CA SER B 104 -3.21 -10.83 2.81
C SER B 104 -3.60 -9.37 2.60
N GLY B 105 -3.74 -8.64 3.70
CA GLY B 105 -4.12 -7.24 3.63
C GLY B 105 -5.57 -7.13 3.24
N VAL B 106 -6.35 -8.13 3.63
CA VAL B 106 -7.78 -8.19 3.32
C VAL B 106 -8.62 -8.04 4.58
N SER B 107 -9.87 -7.62 4.41
CA SER B 107 -10.78 -7.48 5.54
C SER B 107 -11.18 -8.89 5.98
N LYS B 108 -11.79 -9.01 7.17
CA LYS B 108 -12.16 -10.34 7.62
C LYS B 108 -13.42 -10.87 6.94
N GLU B 109 -13.83 -10.25 5.85
CA GLU B 109 -14.99 -10.75 5.15
C GLU B 109 -14.46 -11.67 4.08
N GLU B 110 -13.69 -11.08 3.16
CA GLU B 110 -13.10 -11.83 2.06
C GLU B 110 -12.31 -12.98 2.65
N ALA B 111 -11.75 -12.76 3.83
CA ALA B 111 -10.98 -13.79 4.51
C ALA B 111 -11.77 -15.09 4.48
N GLU B 112 -13.08 -14.97 4.66
CA GLU B 112 -13.94 -16.15 4.63
C GLU B 112 -14.37 -16.48 3.23
N GLU B 113 -14.72 -15.46 2.45
CA GLU B 113 -15.15 -15.70 1.07
C GLU B 113 -14.09 -16.49 0.29
N ILE B 114 -12.82 -16.28 0.62
CA ILE B 114 -11.73 -17.00 -0.05
C ILE B 114 -11.47 -18.30 0.69
N LYS B 115 -11.44 -18.24 2.02
CA LYS B 115 -11.22 -19.42 2.86
C LYS B 115 -12.22 -20.52 2.49
N LYS B 116 -13.51 -20.17 2.56
CA LYS B 116 -14.58 -21.10 2.22
C LYS B 116 -14.26 -21.77 0.89
N LYS B 117 -14.15 -20.96 -0.15
CA LYS B 117 -13.85 -21.46 -1.48
C LYS B 117 -12.66 -22.42 -1.47
N LEU B 118 -11.61 -22.06 -0.73
CA LEU B 118 -10.42 -22.92 -0.63
C LEU B 118 -10.77 -24.24 0.04
N GLU B 119 -11.79 -24.21 0.89
CA GLU B 119 -12.24 -25.42 1.56
C GLU B 119 -13.17 -26.13 0.59
N GLU B 120 -13.82 -25.35 -0.27
CA GLU B 120 -14.72 -25.88 -1.27
C GLU B 120 -13.98 -26.82 -2.23
N ALA B 121 -12.66 -26.69 -2.24
CA ALA B 121 -11.80 -27.54 -3.06
C ALA B 121 -11.11 -28.50 -2.11
N GLY B 122 -11.72 -28.67 -0.94
CA GLY B 122 -11.17 -29.55 0.06
C GLY B 122 -9.77 -29.14 0.44
N ALA B 123 -9.67 -28.13 1.29
CA ALA B 123 -8.38 -27.63 1.75
C ALA B 123 -8.49 -27.03 3.15
N GLU B 124 -7.42 -27.18 3.92
CA GLU B 124 -7.34 -26.66 5.27
C GLU B 124 -7.00 -25.18 5.19
N VAL B 125 -7.92 -24.32 5.61
CA VAL B 125 -7.68 -22.88 5.54
C VAL B 125 -7.84 -22.16 6.89
N GLU B 126 -6.72 -21.65 7.40
CA GLU B 126 -6.73 -20.90 8.65
C GLU B 126 -6.53 -19.41 8.40
N LEU B 127 -7.26 -18.59 9.15
CA LEU B 127 -7.14 -17.15 8.99
C LEU B 127 -6.29 -16.54 10.09
N LYS B 128 -5.74 -15.36 9.79
CA LYS B 128 -4.90 -14.64 10.72
C LYS B 128 -5.03 -13.16 10.37
N MET C 1 4.63 -17.04 0.23
CA MET C 1 3.32 -16.35 -0.01
C MET C 1 3.21 -15.99 -1.49
N THR C 2 2.01 -15.56 -1.89
CA THR C 2 1.73 -15.17 -3.27
C THR C 2 2.66 -14.07 -3.81
N ILE C 3 2.99 -13.08 -2.99
CA ILE C 3 3.86 -12.00 -3.43
C ILE C 3 5.27 -12.56 -3.66
N ASP C 4 5.68 -13.49 -2.82
CA ASP C 4 6.98 -14.10 -2.98
C ASP C 4 6.96 -14.78 -4.34
N GLU C 5 5.86 -15.49 -4.58
CA GLU C 5 5.62 -16.22 -5.79
C GLU C 5 5.68 -15.25 -6.97
N ILE C 6 5.21 -14.02 -6.77
CA ILE C 6 5.22 -13.04 -7.84
C ILE C 6 6.59 -12.41 -8.02
N ILE C 7 7.35 -12.36 -6.92
CA ILE C 7 8.69 -11.78 -6.94
C ILE C 7 9.61 -12.75 -7.69
N GLU C 8 9.44 -14.04 -7.43
CA GLU C 8 10.25 -15.06 -8.09
C GLU C 8 10.03 -15.01 -9.59
N ALA C 9 8.80 -14.70 -10.01
CA ALA C 9 8.51 -14.60 -11.44
C ALA C 9 9.20 -13.38 -12.09
N ILE C 10 9.04 -12.21 -11.47
CA ILE C 10 9.65 -10.97 -11.94
C ILE C 10 11.18 -11.08 -11.94
N GLU C 11 11.71 -11.77 -10.93
CA GLU C 11 13.15 -12.01 -10.74
C GLU C 11 13.82 -12.77 -11.88
N LYS C 12 13.05 -13.38 -12.77
CA LYS C 12 13.67 -14.14 -13.83
C LYS C 12 13.21 -13.73 -15.21
N LEU C 13 12.84 -12.47 -15.33
CA LEU C 13 12.35 -11.93 -16.59
C LEU C 13 13.37 -11.34 -17.56
N THR C 14 14.66 -11.56 -17.36
CA THR C 14 15.64 -10.95 -18.26
C THR C 14 15.42 -9.43 -18.20
N VAL C 15 16.47 -8.65 -18.35
CA VAL C 15 16.32 -7.22 -18.28
C VAL C 15 15.21 -6.74 -19.19
N SER C 16 15.11 -7.27 -20.40
CA SER C 16 14.00 -6.87 -21.25
C SER C 16 12.84 -7.60 -20.58
N GLU C 17 11.63 -7.58 -21.13
CA GLU C 17 10.52 -8.25 -20.44
C GLU C 17 10.19 -7.49 -19.15
N LEU C 18 11.19 -7.25 -18.29
CA LEU C 18 10.94 -6.50 -17.06
C LEU C 18 10.71 -5.07 -17.53
N ALA C 19 11.56 -4.62 -18.44
CA ALA C 19 11.42 -3.29 -19.00
C ALA C 19 10.03 -3.26 -19.62
N GLU C 20 9.65 -4.40 -20.20
CA GLU C 20 8.36 -4.56 -20.85
C GLU C 20 7.23 -4.47 -19.85
N LEU C 21 7.28 -5.34 -18.85
CA LEU C 21 6.29 -5.38 -17.78
C LEU C 21 6.13 -3.97 -17.22
N VAL C 22 7.25 -3.29 -16.96
CA VAL C 22 7.25 -1.92 -16.43
C VAL C 22 6.44 -0.95 -17.30
N LYS C 23 6.80 -0.86 -18.58
CA LYS C 23 6.10 0.03 -19.50
C LYS C 23 4.63 -0.33 -19.61
N LYS C 24 4.32 -1.63 -19.64
CA LYS C 24 2.92 -2.03 -19.72
C LYS C 24 2.16 -1.52 -18.49
N LEU C 25 2.73 -1.73 -17.31
CA LEU C 25 2.10 -1.27 -16.08
C LEU C 25 1.95 0.25 -16.07
N GLU C 26 2.98 0.95 -16.50
CA GLU C 26 2.97 2.41 -16.55
C GLU C 26 1.99 2.95 -17.58
N ASP C 27 1.78 2.21 -18.65
CA ASP C 27 0.85 2.66 -19.68
C ASP C 27 -0.57 2.50 -19.16
N LYS C 28 -0.86 1.35 -18.57
CA LYS C 28 -2.19 1.10 -18.03
C LYS C 28 -2.67 2.18 -17.08
N PHE C 29 -1.80 2.66 -16.20
CA PHE C 29 -2.22 3.64 -15.21
C PHE C 29 -1.71 5.07 -15.39
N GLY C 30 -1.37 5.46 -16.61
CA GLY C 30 -0.87 6.82 -16.81
C GLY C 30 0.64 6.89 -16.74
N VAL C 31 1.27 6.54 -17.85
CA VAL C 31 2.73 6.52 -18.00
C VAL C 31 3.33 7.91 -17.79
N THR C 32 3.99 8.11 -16.65
CA THR C 32 4.59 9.41 -16.39
C THR C 32 6.03 9.53 -16.86
N ALA C 33 6.99 9.27 -15.98
CA ALA C 33 8.42 9.37 -16.30
C ALA C 33 8.74 10.84 -16.39
N ALA C 34 8.01 11.49 -17.28
CA ALA C 34 8.11 12.91 -17.50
C ALA C 34 6.66 13.41 -17.38
N ALA C 35 6.44 14.43 -16.55
CA ALA C 35 5.11 14.98 -16.36
C ALA C 35 5.20 16.24 -15.51
N MET D 1 -7.30 16.90 1.00
CA MET D 1 -6.98 15.69 1.80
C MET D 1 -5.61 15.79 2.44
N THR D 2 -5.40 15.02 3.51
CA THR D 2 -4.11 15.05 4.18
C THR D 2 -2.94 14.81 3.24
N ILE D 3 -3.00 13.76 2.43
CA ILE D 3 -1.89 13.47 1.54
C ILE D 3 -1.55 14.65 0.66
N ASP D 4 -2.54 15.44 0.30
CA ASP D 4 -2.29 16.61 -0.52
C ASP D 4 -1.50 17.64 0.25
N GLU D 5 -1.74 17.74 1.54
CA GLU D 5 -1.01 18.72 2.37
C GLU D 5 0.45 18.35 2.38
N ILE D 6 0.69 17.05 2.47
CA ILE D 6 2.03 16.50 2.49
C ILE D 6 2.67 16.64 1.11
N ILE D 7 1.92 16.36 0.06
CA ILE D 7 2.43 16.49 -1.30
C ILE D 7 2.75 17.94 -1.58
N GLU D 8 2.01 18.86 -0.97
CA GLU D 8 2.26 20.28 -1.16
C GLU D 8 3.50 20.68 -0.37
N ALA D 9 3.71 20.03 0.77
CA ALA D 9 4.88 20.31 1.62
C ALA D 9 6.16 19.73 0.99
N ILE D 10 6.02 18.63 0.25
CA ILE D 10 7.13 18.00 -0.42
C ILE D 10 7.50 18.83 -1.63
N GLU D 11 6.50 19.26 -2.39
CA GLU D 11 6.72 20.10 -3.55
C GLU D 11 7.51 21.36 -3.22
N LYS D 12 7.32 21.90 -2.02
CA LYS D 12 7.99 23.13 -1.64
C LYS D 12 9.41 22.94 -1.20
N LEU D 13 9.79 21.69 -0.90
CA LEU D 13 11.16 21.39 -0.47
C LEU D 13 12.19 21.64 -1.56
N THR D 14 13.37 22.11 -1.19
CA THR D 14 14.43 22.30 -2.18
C THR D 14 14.88 20.87 -2.50
N VAL D 15 15.67 20.70 -3.54
CA VAL D 15 16.13 19.37 -3.92
C VAL D 15 17.02 18.73 -2.84
N SER D 16 17.79 19.54 -2.14
CA SER D 16 18.69 19.01 -1.13
C SER D 16 17.90 18.56 0.11
N GLU D 17 16.81 19.25 0.39
CA GLU D 17 15.98 18.90 1.52
C GLU D 17 15.21 17.64 1.19
N LEU D 18 14.76 17.51 -0.04
CA LEU D 18 14.07 16.30 -0.45
C LEU D 18 15.08 15.17 -0.26
N ALA D 19 16.36 15.45 -0.54
CA ALA D 19 17.42 14.44 -0.39
C ALA D 19 17.59 14.13 1.10
N GLU D 20 17.27 15.08 1.96
CA GLU D 20 17.36 14.86 3.41
C GLU D 20 16.18 14.01 3.86
N LEU D 21 15.04 14.26 3.21
CA LEU D 21 13.80 13.55 3.49
C LEU D 21 14.07 12.09 3.20
N VAL D 22 14.51 11.83 1.97
CA VAL D 22 14.83 10.48 1.51
C VAL D 22 15.87 9.80 2.39
N LYS D 23 16.89 10.56 2.76
CA LYS D 23 17.95 10.02 3.59
C LYS D 23 17.37 9.55 4.92
N LYS D 24 16.63 10.43 5.61
CA LYS D 24 16.02 10.06 6.89
C LYS D 24 15.09 8.87 6.80
N LEU D 25 14.31 8.82 5.73
CA LEU D 25 13.39 7.73 5.52
C LEU D 25 14.15 6.43 5.25
N GLU D 26 15.19 6.51 4.44
CA GLU D 26 15.99 5.34 4.07
C GLU D 26 16.89 4.86 5.18
N ASP D 27 17.44 5.77 5.96
CA ASP D 27 18.28 5.36 7.08
C ASP D 27 17.42 4.63 8.09
N LYS D 28 16.19 5.09 8.28
CA LYS D 28 15.27 4.49 9.23
C LYS D 28 14.77 3.09 8.87
N PHE D 29 14.55 2.83 7.60
CA PHE D 29 14.07 1.51 7.22
C PHE D 29 15.19 0.64 6.67
N GLY D 30 16.42 0.99 7.05
CA GLY D 30 17.60 0.26 6.65
C GLY D 30 17.67 -0.16 5.20
N VAL D 31 17.23 0.72 4.31
CA VAL D 31 17.24 0.45 2.87
C VAL D 31 18.66 0.64 2.41
N THR D 32 19.06 -0.10 1.38
CA THR D 32 20.42 0.03 0.89
C THR D 32 20.45 0.12 -0.62
N ALA D 33 21.50 0.73 -1.15
CA ALA D 33 21.67 0.77 -2.60
C ALA D 33 22.43 -0.54 -2.75
N ALA D 34 21.91 -1.43 -3.58
CA ALA D 34 22.57 -2.73 -3.81
C ALA D 34 22.10 -3.85 -2.86
N ALA D 35 21.82 -4.99 -3.46
CA ALA D 35 21.39 -6.17 -2.73
C ALA D 35 22.41 -6.39 -1.62
N PRO D 36 21.95 -6.45 -0.36
CA PRO D 36 22.89 -6.67 0.74
C PRO D 36 23.79 -7.87 0.47
N VAL D 37 23.17 -9.01 0.22
CA VAL D 37 23.94 -10.21 -0.07
C VAL D 37 23.79 -10.52 -1.53
N ALA D 38 24.71 -11.33 -2.04
CA ALA D 38 24.73 -11.69 -3.44
C ALA D 38 23.47 -12.43 -3.87
N VAL D 39 22.82 -11.90 -4.89
CA VAL D 39 21.65 -12.53 -5.46
C VAL D 39 22.22 -13.20 -6.73
N ALA D 40 23.57 -13.21 -6.78
CA ALA D 40 24.42 -13.75 -7.86
C ALA D 40 23.75 -14.18 -9.15
#